data_2M24
#
_entry.id   2M24
#
_entity_poly.entity_id   1
_entity_poly.type   'polyribonucleotide'
_entity_poly.pdbx_seq_one_letter_code
;GGAGUAUGUAUUGGCACUGAGCAUACUCC
;
_entity_poly.pdbx_strand_id   A
#
loop_
_chem_comp.id
_chem_comp.type
_chem_comp.name
_chem_comp.formula
A RNA linking ADENOSINE-5'-MONOPHOSPHATE 'C10 H14 N5 O7 P'
C RNA linking CYTIDINE-5'-MONOPHOSPHATE 'C9 H14 N3 O8 P'
G RNA linking GUANOSINE-5'-MONOPHOSPHATE 'C10 H14 N5 O8 P'
U RNA linking URIDINE-5'-MONOPHOSPHATE 'C9 H13 N2 O9 P'
#